data_2YLP
#
_entry.id   2YLP
#
_cell.length_a   56.710
_cell.length_b   66.480
_cell.length_c   73.490
_cell.angle_alpha   90.00
_cell.angle_beta   90.00
_cell.angle_gamma   90.00
#
_symmetry.space_group_name_H-M   'P 21 21 21'
#
loop_
_entity.id
_entity.type
_entity.pdbx_description
1 polymer 'ANDROGEN RECEPTOR'
2 non-polymer 'SULFATE ION'
3 non-polymer TESTOSTERONE
4 non-polymer '3-[(2,4-DICHLOROPHENYL)METHYLSULFANYLMETHYL]BENZOIC ACID'
5 water water
#
_entity_poly.entity_id   1
_entity_poly.type   'polypeptide(L)'
_entity_poly.pdbx_seq_one_letter_code
;IEGYECQPIFLNVLEAIEPGVVCAGHDNNQPDSFAALLSSLNELGERQLVHVVKWAKALPGFRNLHVDDQMAVIQYSWMG
LMVFAMGWRSFTNVNSRMLYFAPDLVFNEYRMHKSRMYSQCVRMRHLSQEFGWLQITPQEFLCMKALLLFSIIPVDGLKN
QKFFDELRMNYIKELDRIIACKRKNPTSCSRRFYQLTKLLDSVQPIARELHQFTFDLLIKSHMVSVDFPEMMAEIISVQV
PKILSGKVKPIYFHTQ
;
_entity_poly.pdbx_strand_id   A
#
loop_
_chem_comp.id
_chem_comp.type
_chem_comp.name
_chem_comp.formula
056 non-polymer '3-[(2,4-DICHLOROPHENYL)METHYLSULFANYLMETHYL]BENZOIC ACID' 'C15 H12 Cl2 O2 S'
SO4 non-polymer 'SULFATE ION' 'O4 S -2'
TES non-polymer TESTOSTERONE 'C19 H28 O2'
#
# COMPACT_ATOMS: atom_id res chain seq x y z
N PRO A 8 -6.26 -24.71 6.22
CA PRO A 8 -5.76 -23.34 6.20
C PRO A 8 -6.42 -22.53 5.07
N ILE A 9 -7.75 -22.57 5.03
CA ILE A 9 -8.55 -21.94 3.98
C ILE A 9 -8.23 -20.48 3.80
N PHE A 10 -8.25 -19.68 4.87
CA PHE A 10 -7.97 -18.24 4.74
C PHE A 10 -6.68 -17.89 3.95
N LEU A 11 -5.57 -18.58 4.24
CA LEU A 11 -4.30 -18.39 3.53
C LEU A 11 -4.27 -18.97 2.10
N ASN A 12 -4.90 -20.13 1.91
CA ASN A 12 -5.00 -20.72 0.57
C ASN A 12 -5.52 -19.58 -0.32
N VAL A 13 -6.57 -18.87 0.14
CA VAL A 13 -7.21 -17.85 -0.67
C VAL A 13 -6.28 -16.64 -0.89
N LEU A 14 -5.73 -16.08 0.20
CA LEU A 14 -4.78 -14.96 0.08
C LEU A 14 -3.64 -15.30 -0.85
N GLU A 15 -3.11 -16.51 -0.68
CA GLU A 15 -2.01 -16.98 -1.49
C GLU A 15 -2.49 -17.20 -2.96
N ALA A 16 -3.73 -17.63 -3.15
CA ALA A 16 -4.28 -17.84 -4.52
C ALA A 16 -4.52 -16.56 -5.34
N ILE A 17 -5.10 -15.53 -4.71
CA ILE A 17 -5.49 -14.30 -5.41
C ILE A 17 -4.42 -13.23 -5.49
N GLU A 18 -3.25 -13.43 -4.88
CA GLU A 18 -2.12 -12.50 -5.00
C GLU A 18 -1.74 -12.17 -6.46
N PRO A 19 -1.74 -10.87 -6.84
CA PRO A 19 -1.32 -10.40 -8.17
C PRO A 19 0.11 -10.77 -8.55
N GLY A 20 0.30 -10.98 -9.83
CA GLY A 20 1.66 -11.21 -10.33
C GLY A 20 2.36 -9.91 -10.56
N VAL A 21 3.37 -9.99 -11.41
CA VAL A 21 4.19 -8.88 -11.79
C VAL A 21 3.33 -7.91 -12.59
N VAL A 22 3.46 -6.60 -12.34
CA VAL A 22 2.87 -5.59 -13.17
C VAL A 22 4.03 -4.74 -13.68
N CYS A 23 4.07 -4.49 -14.99
CA CYS A 23 5.13 -3.69 -15.59
C CYS A 23 4.68 -2.21 -15.67
N ALA A 24 5.64 -1.31 -15.54
CA ALA A 24 5.34 0.11 -15.60
C ALA A 24 5.10 0.60 -17.03
N GLY A 25 5.84 0.00 -17.97
CA GLY A 25 5.81 0.44 -19.38
C GLY A 25 6.87 1.52 -19.63
N HIS A 26 7.76 1.72 -18.66
CA HIS A 26 8.78 2.76 -18.76
C HIS A 26 9.80 2.45 -19.85
N ASP A 27 10.10 3.44 -20.68
CA ASP A 27 11.13 3.26 -21.71
C ASP A 27 12.46 3.67 -21.07
N ASN A 28 13.22 2.67 -20.62
CA ASN A 28 14.51 2.87 -19.92
C ASN A 28 15.64 3.45 -20.79
N ASN A 29 15.32 3.57 -22.09
CA ASN A 29 16.11 4.30 -23.06
C ASN A 29 15.95 5.81 -23.01
N GLN A 30 14.78 6.28 -22.59
CA GLN A 30 14.62 7.70 -22.19
C GLN A 30 15.70 8.05 -21.13
N PRO A 31 16.23 9.29 -21.17
CA PRO A 31 17.06 9.65 -20.02
C PRO A 31 16.19 9.91 -18.79
N ASP A 32 16.75 9.64 -17.62
CA ASP A 32 16.03 9.85 -16.38
C ASP A 32 15.71 11.33 -16.30
N SER A 33 14.45 11.66 -16.15
CA SER A 33 14.04 13.03 -15.90
C SER A 33 12.84 12.95 -15.00
N PHE A 34 12.55 14.04 -14.29
CA PHE A 34 11.37 14.14 -13.45
C PHE A 34 10.07 13.86 -14.22
N ALA A 35 9.87 14.55 -15.34
CA ALA A 35 8.66 14.35 -16.10
C ALA A 35 8.45 12.87 -16.49
N ALA A 36 9.52 12.23 -16.96
CA ALA A 36 9.41 10.86 -17.49
C ALA A 36 9.34 9.83 -16.33
N LEU A 37 10.14 10.04 -15.28
CA LEU A 37 10.10 9.13 -14.11
C LEU A 37 8.71 9.13 -13.45
N LEU A 38 8.19 10.32 -13.14
CA LEU A 38 6.88 10.47 -12.51
C LEU A 38 5.69 10.04 -13.39
N SER A 39 5.71 10.39 -14.69
CA SER A 39 4.68 9.91 -15.64
C SER A 39 4.59 8.40 -15.64
N SER A 40 5.74 7.73 -15.66
CA SER A 40 5.80 6.25 -15.55
C SER A 40 5.28 5.67 -14.24
N LEU A 41 5.56 6.35 -13.12
CA LEU A 41 5.12 5.92 -11.76
C LEU A 41 3.60 6.03 -11.72
N ASN A 42 3.09 7.15 -12.27
CA ASN A 42 1.64 7.38 -12.52
C ASN A 42 0.96 6.31 -13.39
N GLU A 43 1.60 5.88 -14.47
CA GLU A 43 1.02 4.79 -15.30
C GLU A 43 1.02 3.48 -14.55
N LEU A 44 2.13 3.24 -13.84
CA LEU A 44 2.26 2.10 -12.97
C LEU A 44 1.12 2.14 -11.96
N GLY A 45 0.82 3.30 -11.39
CA GLY A 45 -0.26 3.37 -10.40
C GLY A 45 -1.59 2.97 -11.01
N GLU A 46 -1.89 3.53 -12.18
CA GLU A 46 -3.12 3.21 -12.94
C GLU A 46 -3.22 1.69 -13.14
N ARG A 47 -2.12 1.07 -13.60
CA ARG A 47 -2.08 -0.39 -13.84
C ARG A 47 -2.24 -1.19 -12.54
N GLN A 48 -1.54 -0.79 -11.48
CA GLN A 48 -1.72 -1.51 -10.21
C GLN A 48 -3.16 -1.42 -9.66
N LEU A 49 -3.87 -0.33 -9.95
CA LEU A 49 -5.24 -0.12 -9.46
C LEU A 49 -6.23 -1.14 -10.04
N VAL A 50 -6.12 -1.44 -11.32
CA VAL A 50 -6.91 -2.51 -11.91
C VAL A 50 -6.69 -3.79 -11.11
N HIS A 51 -5.46 -4.15 -10.79
CA HIS A 51 -5.18 -5.42 -10.10
C HIS A 51 -5.64 -5.41 -8.66
N VAL A 52 -5.44 -4.30 -7.96
CA VAL A 52 -5.94 -4.09 -6.58
C VAL A 52 -7.48 -4.31 -6.50
N VAL A 53 -8.20 -3.75 -7.48
CA VAL A 53 -9.64 -3.82 -7.49
C VAL A 53 -10.02 -5.30 -7.57
N LYS A 54 -9.52 -5.99 -8.59
CA LYS A 54 -9.79 -7.42 -8.79
C LYS A 54 -9.40 -8.28 -7.59
N TRP A 55 -8.29 -7.92 -6.95
CA TRP A 55 -7.81 -8.66 -5.77
C TRP A 55 -8.72 -8.41 -4.51
N ALA A 56 -9.05 -7.15 -4.23
CA ALA A 56 -9.93 -6.81 -3.12
C ALA A 56 -11.24 -7.54 -3.21
N LYS A 57 -11.85 -7.51 -4.39
CA LYS A 57 -13.15 -8.18 -4.58
C LYS A 57 -13.16 -9.73 -4.46
N ALA A 58 -11.99 -10.37 -4.57
CA ALA A 58 -11.90 -11.79 -4.31
C ALA A 58 -11.52 -12.13 -2.87
N LEU A 59 -11.32 -11.11 -2.02
CA LEU A 59 -10.90 -11.38 -0.66
C LEU A 59 -12.06 -12.00 0.13
N PRO A 60 -11.76 -12.86 1.15
CA PRO A 60 -12.88 -13.37 1.96
C PRO A 60 -13.71 -12.27 2.62
N GLY A 61 -15.03 -12.32 2.46
CA GLY A 61 -15.90 -11.39 3.17
C GLY A 61 -16.01 -9.99 2.57
N PHE A 62 -15.18 -9.70 1.54
CA PHE A 62 -15.19 -8.37 0.94
C PHE A 62 -16.52 -7.95 0.33
N ARG A 63 -17.26 -8.86 -0.27
CA ARG A 63 -18.57 -8.41 -0.87
C ARG A 63 -19.75 -8.39 0.14
N ASN A 64 -19.50 -8.78 1.40
CA ASN A 64 -20.41 -8.46 2.48
C ASN A 64 -20.56 -6.93 2.64
N LEU A 65 -19.57 -6.15 2.22
CA LEU A 65 -19.63 -4.72 2.44
C LEU A 65 -20.59 -4.09 1.45
N HIS A 66 -21.24 -3.03 1.90
CA HIS A 66 -21.97 -2.21 0.98
C HIS A 66 -21.11 -1.88 -0.23
N VAL A 67 -21.74 -1.87 -1.40
CA VAL A 67 -21.08 -1.66 -2.67
C VAL A 67 -20.29 -0.34 -2.74
N ASP A 68 -20.89 0.75 -2.23
CA ASP A 68 -20.25 2.10 -2.18
C ASP A 68 -19.02 2.10 -1.21
N ASP A 69 -19.13 1.30 -0.16
CA ASP A 69 -18.07 1.11 0.82
C ASP A 69 -16.92 0.35 0.23
N GLN A 70 -17.23 -0.61 -0.65
CA GLN A 70 -16.20 -1.33 -1.37
C GLN A 70 -15.33 -0.34 -2.18
N MET A 71 -15.94 0.50 -3.01
CA MET A 71 -15.19 1.47 -3.81
C MET A 71 -14.41 2.44 -2.91
N ALA A 72 -15.07 2.92 -1.86
CA ALA A 72 -14.47 3.77 -0.85
C ALA A 72 -13.18 3.22 -0.20
N VAL A 73 -13.19 1.99 0.31
CA VAL A 73 -11.99 1.51 1.01
C VAL A 73 -10.82 1.28 0.02
N ILE A 74 -11.14 0.79 -1.17
CA ILE A 74 -10.14 0.71 -2.22
C ILE A 74 -9.56 2.09 -2.54
N GLN A 75 -10.41 3.10 -2.74
CA GLN A 75 -9.90 4.41 -3.16
C GLN A 75 -9.15 5.19 -2.07
N TYR A 76 -9.40 4.88 -0.80
CA TYR A 76 -8.63 5.46 0.31
C TYR A 76 -7.32 4.73 0.56
N SER A 77 -7.28 3.42 0.37
CA SER A 77 -6.13 2.68 0.87
C SER A 77 -5.14 2.17 -0.16
N TRP A 78 -5.37 2.46 -1.44
CA TRP A 78 -4.44 1.96 -2.47
C TRP A 78 -2.99 2.36 -2.28
N MET A 79 -2.77 3.63 -1.89
CA MET A 79 -1.40 4.12 -1.74
C MET A 79 -0.64 3.25 -0.73
N GLY A 80 -1.23 3.06 0.45
CA GLY A 80 -0.62 2.22 1.49
C GLY A 80 -0.44 0.79 1.03
N LEU A 81 -1.41 0.24 0.31
CA LEU A 81 -1.31 -1.14 -0.17
C LEU A 81 -0.10 -1.30 -1.05
N MET A 82 -0.04 -0.46 -2.08
CA MET A 82 1.01 -0.44 -3.10
C MET A 82 2.38 -0.13 -2.53
N VAL A 83 2.48 0.82 -1.61
CA VAL A 83 3.75 1.08 -0.97
C VAL A 83 4.22 -0.19 -0.25
N PHE A 84 3.33 -0.84 0.47
CA PHE A 84 3.73 -1.96 1.30
C PHE A 84 4.26 -3.12 0.40
N ALA A 85 3.57 -3.34 -0.71
CA ALA A 85 3.82 -4.47 -1.60
C ALA A 85 5.13 -4.22 -2.35
N MET A 86 5.33 -2.96 -2.75
CA MET A 86 6.54 -2.54 -3.44
C MET A 86 7.75 -2.78 -2.49
N GLY A 87 7.60 -2.41 -1.21
CA GLY A 87 8.60 -2.69 -0.18
C GLY A 87 8.89 -4.17 -0.09
N TRP A 88 7.85 -5.02 -0.15
CA TRP A 88 8.05 -6.45 -0.16
C TRP A 88 8.83 -6.89 -1.40
N ARG A 89 8.37 -6.47 -2.60
CA ARG A 89 9.10 -6.75 -3.86
C ARG A 89 10.57 -6.34 -3.73
N SER A 90 10.80 -5.12 -3.28
CA SER A 90 12.11 -4.57 -3.13
C SER A 90 12.91 -5.49 -2.25
N PHE A 91 12.26 -6.00 -1.20
CA PHE A 91 12.94 -6.84 -0.25
C PHE A 91 13.36 -8.21 -0.84
N THR A 92 12.45 -8.83 -1.59
CA THR A 92 12.72 -10.14 -2.14
C THR A 92 13.61 -10.13 -3.40
N ASN A 93 13.53 -9.08 -4.23
CA ASN A 93 14.26 -9.01 -5.53
C ASN A 93 15.63 -8.37 -5.53
N VAL A 94 15.89 -7.50 -4.55
CA VAL A 94 17.16 -6.76 -4.51
C VAL A 94 17.60 -6.41 -3.08
N ASN A 95 17.27 -7.28 -2.13
CA ASN A 95 17.48 -7.04 -0.68
C ASN A 95 17.28 -5.59 -0.19
N SER A 96 16.27 -4.90 -0.73
CA SER A 96 15.93 -3.53 -0.33
C SER A 96 16.93 -2.45 -0.69
N ARG A 97 17.92 -2.75 -1.55
CA ARG A 97 19.01 -1.83 -1.85
C ARG A 97 18.48 -0.70 -2.79
N MET A 98 17.42 -1.02 -3.54
CA MET A 98 16.80 -0.12 -4.50
C MET A 98 15.28 -0.25 -4.41
N LEU A 99 14.51 0.61 -5.05
CA LEU A 99 13.08 0.48 -4.94
C LEU A 99 12.59 -0.17 -6.19
N TYR A 100 12.03 -1.36 -6.03
CA TYR A 100 11.60 -2.19 -7.16
C TYR A 100 10.10 -1.87 -7.47
N PHE A 101 9.84 -0.66 -7.91
CA PHE A 101 8.50 -0.35 -8.39
C PHE A 101 7.98 -1.38 -9.37
N ALA A 102 8.78 -1.77 -10.34
CA ALA A 102 8.42 -2.81 -11.33
C ALA A 102 9.72 -3.29 -11.99
N PRO A 103 9.69 -4.46 -12.71
CA PRO A 103 10.91 -4.97 -13.36
C PRO A 103 11.50 -3.95 -14.31
N ASP A 104 10.66 -3.11 -14.90
CA ASP A 104 11.11 -2.06 -15.78
C ASP A 104 11.17 -0.66 -15.13
N LEU A 105 11.06 -0.55 -13.80
CA LEU A 105 11.17 0.75 -13.14
C LEU A 105 11.74 0.52 -11.73
N VAL A 106 13.05 0.26 -11.71
CA VAL A 106 13.79 0.07 -10.47
C VAL A 106 14.52 1.37 -10.20
N PHE A 107 14.26 1.97 -9.02
CA PHE A 107 14.90 3.23 -8.64
C PHE A 107 16.24 2.92 -7.92
N ASN A 108 17.32 3.41 -8.53
CA ASN A 108 18.64 3.53 -7.87
C ASN A 108 18.77 4.93 -7.25
N GLU A 109 19.96 5.30 -6.78
CA GLU A 109 20.08 6.55 -6.04
C GLU A 109 19.84 7.78 -6.93
N TYR A 110 20.25 7.66 -8.18
CA TYR A 110 20.08 8.71 -9.18
C TYR A 110 18.59 8.97 -9.46
N ARG A 111 17.85 7.89 -9.71
CA ARG A 111 16.39 8.04 -9.88
C ARG A 111 15.66 8.61 -8.65
N MET A 112 16.08 8.24 -7.44
CA MET A 112 15.59 8.85 -6.22
C MET A 112 15.71 10.39 -6.19
N HIS A 113 16.93 10.92 -6.42
CA HIS A 113 17.13 12.38 -6.50
C HIS A 113 16.34 13.04 -7.68
N LYS A 114 16.35 12.42 -8.87
CA LYS A 114 15.69 12.96 -10.09
C LYS A 114 14.15 13.04 -10.01
N SER A 115 13.56 12.01 -9.39
CA SER A 115 12.11 11.98 -9.06
C SER A 115 11.63 13.09 -8.10
N ARG A 116 12.60 13.77 -7.48
CA ARG A 116 12.36 14.84 -6.51
C ARG A 116 11.64 14.29 -5.28
N MET A 117 11.79 13.00 -5.04
CA MET A 117 11.13 12.36 -3.90
C MET A 117 12.15 11.67 -3.08
N TYR A 118 13.33 12.25 -3.00
CA TYR A 118 14.43 11.51 -2.38
C TYR A 118 14.07 11.06 -0.96
N SER A 119 13.62 11.98 -0.11
CA SER A 119 13.31 11.68 1.32
C SER A 119 12.25 10.59 1.48
N GLN A 120 11.13 10.72 0.79
CA GLN A 120 10.12 9.65 0.71
C GLN A 120 10.68 8.27 0.28
N CYS A 121 11.49 8.27 -0.79
CA CYS A 121 12.10 7.03 -1.23
C CYS A 121 12.94 6.46 -0.11
N VAL A 122 13.61 7.32 0.61
CA VAL A 122 14.48 6.86 1.66
C VAL A 122 13.56 6.19 2.73
N ARG A 123 12.44 6.85 3.03
CA ARG A 123 11.51 6.30 4.02
C ARG A 123 10.91 4.94 3.55
N MET A 124 10.65 4.83 2.24
CA MET A 124 10.18 3.57 1.64
C MET A 124 11.27 2.51 1.72
N ARG A 125 12.53 2.87 1.46
CA ARG A 125 13.61 1.91 1.60
C ARG A 125 13.64 1.37 3.02
N HIS A 126 13.50 2.26 4.02
CA HIS A 126 13.44 1.87 5.43
C HIS A 126 12.33 0.83 5.65
N LEU A 127 11.16 1.11 5.08
CA LEU A 127 10.00 0.25 5.23
C LEU A 127 10.41 -1.09 4.67
N SER A 128 10.92 -1.06 3.45
CA SER A 128 11.40 -2.26 2.80
C SER A 128 12.36 -3.13 3.64
N GLN A 129 13.29 -2.51 4.35
CA GLN A 129 14.34 -3.22 5.13
C GLN A 129 13.76 -3.84 6.40
N GLU A 130 12.64 -3.28 6.85
CA GLU A 130 11.95 -3.88 8.00
C GLU A 130 11.51 -5.30 7.69
N PHE A 131 11.19 -5.61 6.43
CA PHE A 131 10.77 -6.95 6.13
C PHE A 131 11.90 -7.90 6.45
N GLY A 132 13.13 -7.46 6.14
CA GLY A 132 14.33 -8.20 6.49
C GLY A 132 14.59 -8.15 7.99
N TRP A 133 14.66 -6.95 8.58
CA TRP A 133 14.96 -6.81 10.01
C TRP A 133 14.05 -7.66 10.90
N LEU A 134 12.75 -7.70 10.57
CA LEU A 134 11.78 -8.44 11.38
C LEU A 134 11.56 -9.87 10.86
N GLN A 135 12.18 -10.21 9.71
CA GLN A 135 12.10 -11.58 9.18
C GLN A 135 10.65 -11.96 8.84
N ILE A 136 9.95 -11.02 8.22
CA ILE A 136 8.57 -11.23 7.86
C ILE A 136 8.48 -12.45 6.94
N THR A 137 7.71 -13.47 7.35
CA THR A 137 7.37 -14.60 6.47
C THR A 137 6.39 -14.17 5.36
N PRO A 138 6.32 -14.91 4.25
CA PRO A 138 5.30 -14.60 3.21
C PRO A 138 3.83 -14.64 3.69
N GLN A 139 3.54 -15.40 4.76
CA GLN A 139 2.19 -15.54 5.25
C GLN A 139 1.82 -14.27 6.03
N GLU A 140 2.78 -13.77 6.82
CA GLU A 140 2.66 -12.51 7.58
C GLU A 140 2.47 -11.34 6.63
N PHE A 141 3.29 -11.30 5.59
CA PHE A 141 3.13 -10.28 4.59
C PHE A 141 1.67 -10.21 3.97
N LEU A 142 1.14 -11.36 3.60
CA LEU A 142 -0.12 -11.45 2.84
C LEU A 142 -1.28 -11.00 3.75
N CYS A 143 -1.20 -11.41 5.03
CA CYS A 143 -2.22 -11.02 5.98
C CYS A 143 -2.13 -9.54 6.40
N MET A 144 -0.91 -9.01 6.48
CA MET A 144 -0.74 -7.61 6.78
C MET A 144 -1.27 -6.72 5.65
N LYS A 145 -1.06 -7.15 4.43
CA LYS A 145 -1.41 -6.36 3.27
C LYS A 145 -2.95 -6.38 3.14
N ALA A 146 -3.57 -7.54 3.42
CA ALA A 146 -5.03 -7.61 3.43
C ALA A 146 -5.64 -6.60 4.44
N LEU A 147 -5.04 -6.52 5.61
CA LEU A 147 -5.47 -5.61 6.68
C LEU A 147 -5.25 -4.12 6.38
N LEU A 148 -4.27 -3.82 5.56
CA LEU A 148 -4.14 -2.48 5.02
C LEU A 148 -5.36 -2.05 4.19
N LEU A 149 -6.03 -2.97 3.48
CA LEU A 149 -7.29 -2.54 2.76
C LEU A 149 -8.30 -1.95 3.75
N PHE A 150 -8.15 -2.31 5.03
CA PHE A 150 -9.15 -1.93 6.06
C PHE A 150 -8.67 -0.93 7.12
N SER A 151 -7.71 -0.08 6.76
CA SER A 151 -7.01 0.70 7.77
C SER A 151 -7.17 2.21 7.54
N ILE A 152 -8.13 2.61 6.71
CA ILE A 152 -8.36 4.01 6.47
C ILE A 152 -9.82 4.24 6.03
N ILE A 153 -10.53 5.09 6.77
CA ILE A 153 -11.97 5.26 6.64
C ILE A 153 -12.37 6.69 6.97
N PRO A 154 -13.57 7.14 6.52
CA PRO A 154 -14.01 8.50 6.92
C PRO A 154 -14.33 8.59 8.42
N VAL A 155 -14.01 9.73 9.05
CA VAL A 155 -14.30 9.93 10.46
C VAL A 155 -15.78 9.82 10.77
N ASP A 156 -16.65 10.20 9.83
CA ASP A 156 -18.06 9.91 10.07
C ASP A 156 -18.56 8.51 9.72
N GLY A 157 -17.68 7.59 9.34
CA GLY A 157 -18.12 6.20 9.08
C GLY A 157 -18.49 5.88 7.64
N LEU A 158 -18.58 4.58 7.36
CA LEU A 158 -19.01 4.11 6.04
C LEU A 158 -20.56 4.01 5.94
N LYS A 159 -21.11 3.63 4.78
CA LYS A 159 -22.56 3.38 4.64
C LYS A 159 -23.00 2.28 5.58
N ASN A 160 -22.33 1.12 5.58
CA ASN A 160 -22.51 0.18 6.68
C ASN A 160 -21.21 -0.10 7.47
N GLN A 161 -21.00 0.73 8.47
CA GLN A 161 -19.84 0.64 9.33
C GLN A 161 -19.83 -0.65 10.14
N LYS A 162 -20.98 -1.13 10.57
CA LYS A 162 -21.03 -2.35 11.38
C LYS A 162 -20.39 -3.56 10.68
N PHE A 163 -20.74 -3.74 9.39
CA PHE A 163 -20.08 -4.78 8.57
C PHE A 163 -18.53 -4.57 8.48
N PHE A 164 -18.11 -3.32 8.24
CA PHE A 164 -16.72 -3.02 8.12
C PHE A 164 -15.99 -3.38 9.41
N ASP A 165 -16.56 -3.03 10.54
CA ASP A 165 -15.96 -3.39 11.84
C ASP A 165 -15.76 -4.91 12.08
N GLU A 166 -16.76 -5.69 11.68
CA GLU A 166 -16.70 -7.13 11.82
C GLU A 166 -15.59 -7.71 10.91
N LEU A 167 -15.59 -7.29 9.65
CA LEU A 167 -14.61 -7.78 8.68
C LEU A 167 -13.19 -7.50 9.17
N ARG A 168 -12.99 -6.24 9.55
CA ARG A 168 -11.69 -5.81 10.00
C ARG A 168 -11.30 -6.63 11.24
N MET A 169 -12.22 -6.77 12.20
CA MET A 169 -11.91 -7.61 13.38
C MET A 169 -11.42 -9.00 12.92
N ASN A 170 -12.15 -9.61 11.97
CA ASN A 170 -11.78 -10.93 11.46
C ASN A 170 -10.39 -10.98 10.84
N TYR A 171 -10.01 -9.91 10.11
CA TYR A 171 -8.69 -9.85 9.48
C TYR A 171 -7.59 -9.69 10.52
N ILE A 172 -7.87 -8.96 11.59
CA ILE A 172 -6.97 -8.90 12.74
C ILE A 172 -6.73 -10.32 13.34
N LYS A 173 -7.81 -11.11 13.48
CA LYS A 173 -7.74 -12.44 14.10
C LYS A 173 -6.97 -13.40 13.24
N GLU A 174 -7.13 -13.27 11.94
CA GLU A 174 -6.38 -14.08 10.98
C GLU A 174 -4.86 -13.84 11.08
N LEU A 175 -4.46 -12.59 11.17
CA LEU A 175 -3.07 -12.23 11.37
C LEU A 175 -2.54 -12.75 12.72
N ASP A 176 -3.35 -12.61 13.79
CA ASP A 176 -3.02 -13.19 15.08
C ASP A 176 -2.82 -14.72 14.93
N ARG A 177 -3.70 -15.41 14.21
CA ARG A 177 -3.56 -16.85 13.90
C ARG A 177 -2.24 -17.26 13.15
N ILE A 178 -1.82 -16.44 12.17
CA ILE A 178 -0.61 -16.66 11.34
C ILE A 178 0.71 -16.53 12.13
N ILE A 179 0.85 -15.47 12.92
CA ILE A 179 1.79 -15.42 14.02
C ILE A 179 1.77 -16.77 14.83
N ALA A 180 0.57 -17.20 15.28
CA ALA A 180 0.45 -18.17 16.36
C ALA A 180 0.43 -19.67 15.98
N CYS A 181 0.35 -19.98 14.69
CA CYS A 181 0.55 -21.36 14.22
C CYS A 181 2.06 -21.58 14.09
N LYS A 182 2.73 -21.90 15.21
CA LYS A 182 4.19 -21.93 15.27
C LYS A 182 4.85 -21.90 16.69
N ARG A 183 4.30 -21.11 17.63
CA ARG A 183 4.99 -20.82 18.94
C ARG A 183 4.26 -21.27 20.24
N LYS A 184 4.96 -21.22 21.37
CA LYS A 184 4.46 -21.81 22.62
C LYS A 184 4.40 -20.85 23.81
N ASN A 185 5.54 -20.67 24.49
CA ASN A 185 5.65 -19.78 25.67
C ASN A 185 5.58 -18.27 25.29
N PRO A 186 4.38 -17.63 25.48
CA PRO A 186 3.86 -16.43 24.74
C PRO A 186 4.27 -14.95 25.10
N THR A 187 5.51 -14.75 25.60
CA THR A 187 6.27 -13.49 25.42
C THR A 187 6.43 -13.26 23.92
N SER A 188 6.79 -14.35 23.23
CA SER A 188 7.11 -14.36 21.81
C SER A 188 5.95 -13.88 20.97
N CYS A 189 4.86 -14.64 20.98
CA CYS A 189 3.62 -14.29 20.25
C CYS A 189 3.09 -12.88 20.57
N SER A 190 3.25 -12.48 21.81
CA SER A 190 2.90 -11.18 22.26
C SER A 190 3.88 -10.10 21.69
N ARG A 191 5.20 -10.30 21.82
CA ARG A 191 6.22 -9.44 21.16
C ARG A 191 5.98 -9.32 19.62
N ARG A 192 5.71 -10.43 18.96
CA ARG A 192 5.58 -10.47 17.52
C ARG A 192 4.39 -9.65 17.00
N PHE A 193 3.23 -9.83 17.65
CA PHE A 193 2.04 -9.07 17.32
C PHE A 193 2.27 -7.57 17.52
N TYR A 194 2.94 -7.25 18.63
CA TYR A 194 3.36 -5.87 18.83
C TYR A 194 4.23 -5.31 17.65
N GLN A 195 5.21 -6.07 17.14
CA GLN A 195 6.09 -5.63 16.02
C GLN A 195 5.26 -5.47 14.72
N LEU A 196 4.45 -6.48 14.39
CA LEU A 196 3.62 -6.39 13.20
C LEU A 196 2.63 -5.19 13.21
N THR A 197 1.99 -4.93 14.33
CA THR A 197 1.10 -3.76 14.41
C THR A 197 1.86 -2.42 14.34
N LYS A 198 3.02 -2.35 14.99
CA LYS A 198 3.89 -1.19 14.81
C LYS A 198 4.30 -1.01 13.32
N LEU A 199 4.70 -2.09 12.65
CA LEU A 199 5.09 -1.99 11.25
C LEU A 199 3.91 -1.56 10.37
N LEU A 200 2.74 -2.18 10.54
CA LEU A 200 1.53 -1.71 9.87
C LEU A 200 1.24 -0.21 10.07
N ASP A 201 1.29 0.26 11.33
CA ASP A 201 1.10 1.69 11.62
C ASP A 201 2.09 2.56 10.83
N SER A 202 3.35 2.14 10.78
CA SER A 202 4.37 2.91 10.09
C SER A 202 4.11 3.08 8.57
N VAL A 203 3.24 2.24 7.98
CA VAL A 203 2.90 2.45 6.57
C VAL A 203 2.18 3.80 6.40
N GLN A 204 1.36 4.16 7.38
CA GLN A 204 0.49 5.35 7.21
C GLN A 204 1.18 6.71 7.01
N PRO A 205 2.19 7.05 7.82
CA PRO A 205 2.84 8.37 7.64
C PRO A 205 3.50 8.53 6.24
N ILE A 206 4.07 7.41 5.74
CA ILE A 206 4.63 7.32 4.39
C ILE A 206 3.53 7.49 3.33
N ALA A 207 2.45 6.71 3.44
CA ALA A 207 1.33 6.85 2.53
C ALA A 207 0.88 8.29 2.51
N ARG A 208 0.77 8.92 3.69
CA ARG A 208 0.39 10.36 3.73
C ARG A 208 1.34 11.37 3.04
N GLU A 209 2.65 11.24 3.28
CA GLU A 209 3.61 12.04 2.51
C GLU A 209 3.38 11.89 1.01
N LEU A 210 3.10 10.68 0.57
CA LEU A 210 2.93 10.46 -0.87
C LEU A 210 1.59 10.98 -1.39
N HIS A 211 0.59 10.97 -0.51
CA HIS A 211 -0.67 11.65 -0.76
C HIS A 211 -0.47 13.16 -1.04
N GLN A 212 0.17 13.88 -0.11
CA GLN A 212 0.57 15.31 -0.31
C GLN A 212 1.37 15.52 -1.62
N PHE A 213 2.44 14.73 -1.76
CA PHE A 213 3.25 14.85 -2.95
C PHE A 213 2.44 14.76 -4.25
N THR A 214 1.71 13.66 -4.43
CA THR A 214 1.03 13.42 -5.68
C THR A 214 -0.08 14.45 -5.86
N PHE A 215 -0.67 14.89 -4.75
CA PHE A 215 -1.69 15.94 -4.88
C PHE A 215 -1.08 17.22 -5.44
N ASP A 216 -0.01 17.64 -4.79
CA ASP A 216 0.73 18.84 -5.20
C ASP A 216 1.05 18.80 -6.67
N LEU A 217 1.49 17.59 -7.08
CA LEU A 217 2.00 17.39 -8.40
C LEU A 217 0.83 17.37 -9.38
N LEU A 218 -0.29 16.78 -9.00
CA LEU A 218 -1.40 16.80 -9.92
C LEU A 218 -1.79 18.28 -10.22
N ILE A 219 -1.82 19.12 -9.17
CA ILE A 219 -2.20 20.52 -9.28
C ILE A 219 -1.30 21.24 -10.30
N LYS A 220 0.00 20.94 -10.27
CA LYS A 220 0.97 21.66 -11.12
C LYS A 220 1.52 20.86 -12.30
N SER A 221 0.79 19.81 -12.69
CA SER A 221 1.25 18.80 -13.68
C SER A 221 1.50 19.32 -15.07
N HIS A 222 0.57 20.12 -15.59
CA HIS A 222 0.73 20.92 -16.82
C HIS A 222 2.02 21.78 -16.86
N MET A 223 2.36 22.47 -15.77
CA MET A 223 3.54 23.32 -15.78
C MET A 223 4.82 22.50 -15.89
N VAL A 224 4.71 21.20 -15.55
CA VAL A 224 5.87 20.36 -15.25
C VAL A 224 5.95 19.09 -16.16
N SER A 225 5.06 19.03 -17.16
CA SER A 225 4.97 17.92 -18.14
C SER A 225 4.89 16.52 -17.54
N VAL A 226 4.09 16.37 -16.48
CA VAL A 226 3.81 15.04 -15.91
C VAL A 226 2.38 14.69 -16.25
N ASP A 227 2.22 13.50 -16.86
CA ASP A 227 0.92 12.92 -17.19
C ASP A 227 0.32 12.09 -16.04
N PHE A 228 -0.96 12.32 -15.79
CA PHE A 228 -1.78 11.49 -14.91
C PHE A 228 -2.84 10.87 -15.80
N PRO A 229 -2.92 9.54 -15.78
CA PRO A 229 -4.00 8.89 -16.51
C PRO A 229 -5.35 9.10 -15.81
N GLU A 230 -6.45 8.80 -16.51
CA GLU A 230 -7.86 8.97 -16.06
C GLU A 230 -8.11 8.66 -14.58
N MET A 231 -8.01 7.38 -14.21
CA MET A 231 -8.36 6.99 -12.83
C MET A 231 -7.54 7.66 -11.72
N MET A 232 -6.25 7.87 -11.97
CA MET A 232 -5.39 8.41 -10.93
C MET A 232 -5.72 9.88 -10.76
N ALA A 233 -5.93 10.57 -11.87
CA ALA A 233 -6.33 11.98 -11.86
C ALA A 233 -7.64 12.14 -11.09
N GLU A 234 -8.53 11.17 -11.27
CA GLU A 234 -9.86 11.25 -10.69
C GLU A 234 -9.78 10.95 -9.20
N ILE A 235 -9.10 9.88 -8.84
CA ILE A 235 -8.94 9.55 -7.44
C ILE A 235 -8.09 10.60 -6.70
N ILE A 236 -7.14 11.21 -7.39
CA ILE A 236 -6.29 12.16 -6.65
C ILE A 236 -6.96 13.51 -6.50
N SER A 237 -7.94 13.82 -7.35
CA SER A 237 -8.68 15.07 -7.22
C SER A 237 -9.93 14.94 -6.32
N VAL A 238 -10.52 13.73 -6.30
CA VAL A 238 -11.77 13.48 -5.58
C VAL A 238 -11.56 12.89 -4.17
N GLN A 239 -10.73 11.85 -4.04
CA GLN A 239 -10.56 11.20 -2.73
C GLN A 239 -9.31 11.54 -1.94
N VAL A 240 -8.18 11.78 -2.58
CA VAL A 240 -6.98 12.13 -1.81
C VAL A 240 -7.24 13.38 -0.92
N PRO A 241 -7.92 14.41 -1.49
CA PRO A 241 -8.08 15.63 -0.66
C PRO A 241 -8.95 15.38 0.61
N LYS A 242 -9.79 14.35 0.60
CA LYS A 242 -10.56 14.01 1.80
C LYS A 242 -9.61 13.51 2.83
N ILE A 243 -8.56 12.84 2.40
CA ILE A 243 -7.54 12.43 3.36
C ILE A 243 -6.73 13.67 3.81
N LEU A 244 -6.39 14.52 2.84
CA LEU A 244 -5.51 15.62 3.13
C LEU A 244 -6.20 16.67 4.03
N SER A 245 -7.53 16.75 3.91
CA SER A 245 -8.31 17.70 4.67
C SER A 245 -8.80 17.11 5.98
N GLY A 246 -8.43 15.87 6.28
CA GLY A 246 -8.77 15.20 7.55
C GLY A 246 -10.19 14.63 7.69
N LYS A 247 -10.91 14.58 6.58
CA LYS A 247 -12.26 13.95 6.56
C LYS A 247 -12.25 12.42 6.47
N VAL A 248 -11.11 11.87 6.06
CA VAL A 248 -10.81 10.41 6.02
C VAL A 248 -9.51 10.23 6.78
N LYS A 249 -9.47 9.33 7.77
CA LYS A 249 -8.23 9.13 8.54
C LYS A 249 -7.88 7.65 8.69
N PRO A 250 -6.57 7.34 8.75
CA PRO A 250 -6.09 5.98 9.03
C PRO A 250 -6.58 5.48 10.39
N ILE A 251 -6.76 4.16 10.49
CA ILE A 251 -6.98 3.49 11.77
C ILE A 251 -5.61 2.98 12.30
N TYR A 252 -5.06 3.66 13.29
CA TYR A 252 -3.80 3.24 13.90
C TYR A 252 -4.04 2.25 15.03
N PHE A 253 -3.15 1.27 15.17
CA PHE A 253 -3.16 0.37 16.34
C PHE A 253 -2.72 1.12 17.63
N HIS A 254 -1.57 1.78 17.59
CA HIS A 254 -1.02 2.51 18.75
C HIS A 254 -1.17 3.98 18.52
N THR A 255 -1.29 4.75 19.61
CA THR A 255 -1.32 6.21 19.49
C THR A 255 0.02 6.72 18.97
N GLN A 256 -0.02 7.73 18.10
CA GLN A 256 1.19 8.20 17.42
C GLN A 256 1.78 9.37 18.18
S SO4 B . 15.06 16.96 -14.64
O1 SO4 B . 14.50 15.71 -14.11
O2 SO4 B . 14.14 17.44 -15.69
O3 SO4 B . 15.18 17.90 -13.49
O4 SO4 B . 16.36 16.72 -15.24
C1 TES C . 3.03 3.11 -7.93
C2 TES C . 3.02 1.61 -7.64
C3 TES C . 4.06 1.29 -6.58
O3 TES C . 4.55 0.16 -6.54
C4 TES C . 4.43 2.35 -5.61
C5 TES C . 3.96 3.61 -5.63
C6 TES C . 4.46 4.61 -4.56
C7 TES C . 4.64 6.03 -5.14
C8 TES C . 3.49 6.46 -6.04
C9 TES C . 3.22 5.45 -7.20
C10 TES C . 2.95 4.03 -6.70
C11 TES C . 2.09 5.88 -8.19
C12 TES C . 2.23 7.35 -8.68
C13 TES C . 2.54 8.32 -7.53
C14 TES C . 3.71 7.82 -6.67
C15 TES C . 4.08 9.02 -5.78
C16 TES C . 3.96 10.19 -6.75
C17 TES C . 3.15 9.68 -7.94
O17 TES C . 2.20 10.68 -8.34
C18 TES C . 1.27 8.45 -6.65
C19 TES C . 1.51 4.00 -6.13
O17 056 D . -11.09 -15.52 8.11
C16 056 D . -12.07 -15.62 7.35
O18 056 D . -12.35 -16.69 6.74
C12 056 D . -12.88 -14.40 7.19
C11 056 D . -14.27 -14.41 7.15
C10 056 D . -14.94 -13.20 6.99
C15 056 D . -14.21 -12.04 6.91
C14 056 D . -12.83 -12.04 6.95
C13 056 D . -12.16 -13.24 7.09
S8 056 D . -16.78 -11.59 7.87
C6 056 D . -20.52 -10.16 10.09
C9 056 D . -16.44 -13.06 6.94
C1 056 D . -19.55 -10.78 9.30
CL1 056 D . -18.92 -12.39 9.85
C2 056 D . -19.07 -10.08 8.06
C7 056 D . -18.03 -10.62 7.10
C3 056 D . -19.63 -8.85 7.73
C4 056 D . -20.60 -8.28 8.56
C5 056 D . -21.05 -8.92 9.72
CL2 056 D . -22.30 -8.13 10.76
O17 056 E . -11.43 -0.41 -12.35
C16 056 E . -12.37 0.02 -11.61
O18 056 E . -13.55 -0.35 -11.77
C12 056 E . -12.07 0.94 -10.46
C11 056 E . -12.65 0.66 -9.23
C10 056 E . -12.36 1.47 -8.13
C15 056 E . -11.52 2.56 -8.24
C14 056 E . -10.94 2.85 -9.47
C13 056 E . -11.21 2.05 -10.58
S8 056 E . -14.46 0.20 -7.29
C6 056 E . -17.80 -2.33 -8.54
C9 056 E . -13.02 1.10 -6.82
C1 056 E . -16.51 -1.90 -8.23
CL1 056 E . -15.37 -1.52 -9.56
C2 056 E . -16.12 -1.76 -6.80
C7 056 E . -14.75 -1.29 -6.41
C3 056 E . -17.05 -2.06 -5.82
C4 056 E . -18.32 -2.50 -6.19
C5 056 E . -18.69 -2.63 -7.52
CL2 056 E . -20.34 -3.20 -7.95
#